data_5UKW
#
_entry.id   5UKW
#
_cell.length_a   59.099
_cell.length_b   177.817
_cell.length_c   216.470
_cell.angle_alpha   90.00
_cell.angle_beta   90.00
_cell.angle_gamma   90.00
#
_symmetry.space_group_name_H-M   'F 2 2 2'
#
loop_
_entity.id
_entity.type
_entity.pdbx_description
1 polymer 'Glucose-6-phosphate 1-dehydrogenase'
2 non-polymer 6-O-phosphono-beta-D-glucopyranose
3 non-polymer GLYCEROL
4 water water
#
_entity_poly.entity_id   1
_entity_poly.type   'polypeptide(L)'
_entity_poly.pdbx_seq_one_letter_code
;GGSEFSDTHIFIIMGASGDLAKKKIYPTIWWLFRDGLLPENTFIVGYARSRLTVADIRKQSEPFFKATPEEKLKLEDFFA
RNSYVAGQYDDAASYQRLNSHMNALHLGSQANRLFYLALPPTVYEAVTKNIHESCMSQIGWNRIIVEKPFGRDLQSSDRL
SNHISSLFREDQIYRIDHYLGKEMVQNLMVLRFANRIFGPIWNRDNIACVILTFKEPFGTEGRGGYFDEFGIIRDVMQNH
LLQMLCLVAMEKPCSTNSDDVRDEKVKVLKCISEVQANNVVLGQYVGNPDGEGEATKGYLDDPTVPRGSTTATFAAVVLY
VENERWDGVPFILRCGKALNERKAEVRLQFHDVAGDIFHQQCKRNELVIRVQPNEAVYTKMMTKKPGMFFNPEESELDLT
YGNRYKNVKLPDAYERLILDVFCGSQMHFVRSDELREAWRIFTPLLHQIELEKPKPIPYIYGSRGPTEADELMKRVGFQY
EGTYKWVN
;
_entity_poly.pdbx_strand_id   A
#
loop_
_chem_comp.id
_chem_comp.type
_chem_comp.name
_chem_comp.formula
BG6 D-saccharide, beta linking 6-O-phosphono-beta-D-glucopyranose 'C6 H13 O9 P'
GOL non-polymer GLYCEROL 'C3 H8 O3'
#
# COMPACT_ATOMS: atom_id res chain seq x y z
N PHE A 5 -5.80 -24.46 12.90
CA PHE A 5 -6.47 -23.40 13.61
C PHE A 5 -6.84 -23.80 15.02
N SER A 6 -6.59 -25.06 15.37
CA SER A 6 -6.74 -25.42 16.77
C SER A 6 -5.42 -25.24 17.56
N ASP A 7 -4.37 -24.75 16.91
CA ASP A 7 -3.12 -24.53 17.59
C ASP A 7 -3.11 -23.22 18.31
N THR A 8 -2.28 -23.15 19.34
CA THR A 8 -1.96 -21.92 20.03
C THR A 8 -1.18 -20.95 19.13
N HIS A 9 -1.54 -19.68 19.16
CA HIS A 9 -0.79 -18.70 18.36
C HIS A 9 -0.36 -17.58 19.25
N ILE A 10 0.86 -17.10 19.06
CA ILE A 10 1.30 -15.93 19.80
C ILE A 10 1.55 -14.79 18.82
N PHE A 11 0.96 -13.64 19.09
CA PHE A 11 1.09 -12.45 18.26
C PHE A 11 1.94 -11.41 19.00
N ILE A 12 3.16 -11.20 18.52
CA ILE A 12 4.17 -10.47 19.27
C ILE A 12 4.26 -9.11 18.65
N ILE A 13 3.73 -8.10 19.32
CA ILE A 13 3.84 -6.74 18.79
C ILE A 13 5.14 -6.11 19.23
N MET A 14 6.12 -6.09 18.31
CA MET A 14 7.43 -5.55 18.61
C MET A 14 7.31 -4.06 18.40
N GLY A 15 7.62 -3.31 19.45
CA GLY A 15 7.37 -1.85 19.45
C GLY A 15 5.99 -1.50 19.95
N ALA A 16 5.51 -2.28 20.90
CA ALA A 16 4.18 -2.16 21.47
C ALA A 16 3.91 -0.79 22.02
N SER A 17 4.97 -0.18 22.55
CA SER A 17 4.89 1.13 23.21
C SER A 17 4.59 2.26 22.21
N GLY A 18 5.01 2.09 20.94
CA GLY A 18 4.79 3.09 19.88
C GLY A 18 3.36 3.43 19.43
N ASP A 19 3.27 4.47 18.61
CA ASP A 19 1.99 5.05 18.21
C ASP A 19 1.23 4.14 17.24
N LEU A 20 1.92 3.62 16.21
CA LEU A 20 1.37 2.61 15.30
C LEU A 20 0.79 1.42 16.08
N ALA A 21 1.63 0.84 16.93
CA ALA A 21 1.15 -0.17 17.88
C ALA A 21 -0.13 0.27 18.65
N LYS A 22 -0.14 1.49 19.18
CA LYS A 22 -1.27 1.90 20.04
C LYS A 22 -2.48 2.36 19.24
N LYS A 23 -2.25 2.95 18.08
CA LYS A 23 -3.31 3.49 17.24
C LYS A 23 -3.85 2.52 16.22
N LYS A 24 -3.08 1.51 15.84
CA LYS A 24 -3.49 0.66 14.73
C LYS A 24 -3.40 -0.84 15.04
N ILE A 25 -2.26 -1.29 15.57
CA ILE A 25 -1.99 -2.73 15.57
C ILE A 25 -2.78 -3.41 16.69
N TYR A 26 -2.74 -2.81 17.88
CA TYR A 26 -3.52 -3.31 19.02
C TYR A 26 -5.01 -3.27 18.65
N PRO A 27 -5.48 -2.11 18.13
CA PRO A 27 -6.92 -2.14 17.84
C PRO A 27 -7.27 -3.07 16.70
N THR A 28 -6.32 -3.25 15.77
CA THR A 28 -6.61 -4.14 14.65
C THR A 28 -6.76 -5.56 15.16
N ILE A 29 -5.87 -5.96 16.05
CA ILE A 29 -5.93 -7.30 16.54
C ILE A 29 -7.07 -7.49 17.52
N TRP A 30 -7.51 -6.41 18.16
CA TRP A 30 -8.75 -6.45 18.90
C TRP A 30 -9.91 -6.76 17.93
N TRP A 31 -10.02 -6.02 16.82
CA TRP A 31 -11.20 -6.21 15.97
C TRP A 31 -11.26 -7.61 15.38
N LEU A 32 -10.12 -8.20 15.05
CA LEU A 32 -10.14 -9.58 14.57
C LEU A 32 -10.58 -10.51 15.72
N PHE A 33 -10.12 -10.25 16.94
CA PHE A 33 -10.46 -11.06 18.11
C PHE A 33 -11.95 -10.95 18.44
N ARG A 34 -12.37 -9.70 18.61
CA ARG A 34 -13.77 -9.30 18.79
C ARG A 34 -14.72 -10.05 17.88
N ASP A 35 -14.37 -10.10 16.58
CA ASP A 35 -15.22 -10.69 15.54
C ASP A 35 -15.04 -12.20 15.42
N GLY A 36 -14.27 -12.81 16.32
CA GLY A 36 -14.07 -14.23 16.30
C GLY A 36 -13.31 -14.81 15.11
N LEU A 37 -12.41 -14.01 14.55
CA LEU A 37 -11.65 -14.40 13.38
C LEU A 37 -10.29 -15.01 13.69
N LEU A 38 -9.79 -14.83 14.90
CA LEU A 38 -8.48 -15.38 15.23
C LEU A 38 -8.65 -16.80 15.76
N PRO A 39 -7.54 -17.55 15.85
CA PRO A 39 -7.63 -18.85 16.50
C PRO A 39 -8.05 -18.69 17.96
N GLU A 40 -8.72 -19.70 18.49
CA GLU A 40 -9.31 -19.59 19.80
C GLU A 40 -8.26 -19.29 20.86
N ASN A 41 -7.10 -19.91 20.68
CA ASN A 41 -6.04 -19.92 21.64
C ASN A 41 -4.97 -19.00 21.15
N THR A 42 -5.27 -17.71 21.26
CA THR A 42 -4.36 -16.69 20.78
C THR A 42 -3.89 -15.83 21.97
N PHE A 43 -2.59 -15.55 22.00
CA PHE A 43 -1.99 -14.65 23.00
C PHE A 43 -1.35 -13.49 22.28
N ILE A 44 -1.44 -12.31 22.90
CA ILE A 44 -0.77 -11.10 22.43
C ILE A 44 0.32 -10.70 23.43
N VAL A 45 1.50 -10.47 22.89
CA VAL A 45 2.65 -10.09 23.69
C VAL A 45 3.28 -8.85 23.06
N GLY A 46 3.23 -7.76 23.81
CA GLY A 46 3.95 -6.55 23.49
C GLY A 46 5.39 -6.62 23.98
N TYR A 47 6.28 -5.98 23.23
CA TYR A 47 7.68 -5.88 23.61
C TYR A 47 8.19 -4.51 23.16
N ALA A 48 8.79 -3.79 24.10
CA ALA A 48 9.29 -2.46 23.81
C ALA A 48 10.30 -2.06 24.87
N ARG A 49 10.98 -0.96 24.61
CA ARG A 49 11.99 -0.46 25.52
C ARG A 49 11.45 -0.10 26.89
N SER A 50 10.30 0.56 26.92
CA SER A 50 9.72 1.06 28.17
C SER A 50 9.46 -0.06 29.16
N ARG A 51 9.33 0.29 30.44
CA ARG A 51 8.98 -0.70 31.44
C ARG A 51 7.50 -0.54 31.67
N LEU A 52 6.68 -1.34 30.99
CA LEU A 52 5.25 -1.16 31.09
C LEU A 52 4.45 -2.34 31.60
N THR A 53 3.15 -2.14 31.74
CA THR A 53 2.26 -3.20 32.17
C THR A 53 1.12 -3.24 31.19
N VAL A 54 0.39 -4.36 31.23
CA VAL A 54 -0.78 -4.55 30.33
C VAL A 54 -1.76 -3.41 30.62
N ALA A 55 -1.87 -3.10 31.91
CA ALA A 55 -2.67 -2.00 32.38
C ALA A 55 -2.35 -0.70 31.62
N ASP A 56 -1.06 -0.37 31.48
CA ASP A 56 -0.62 0.87 30.81
C ASP A 56 -0.93 0.85 29.33
N ILE A 57 -0.73 -0.28 28.70
CA ILE A 57 -1.02 -0.40 27.28
C ILE A 57 -2.51 -0.28 27.04
N ARG A 58 -3.31 -0.78 27.96
CA ARG A 58 -4.73 -0.69 27.81
C ARG A 58 -5.16 0.75 27.89
N LYS A 59 -4.56 1.54 28.78
CA LYS A 59 -4.91 2.95 28.89
C LYS A 59 -4.58 3.67 27.60
N GLN A 60 -3.40 3.42 27.09
CA GLN A 60 -2.92 3.98 25.80
C GLN A 60 -3.78 3.65 24.60
N SER A 61 -4.19 2.39 24.49
CA SER A 61 -4.79 1.86 23.27
C SER A 61 -6.31 1.73 23.27
N GLU A 62 -6.92 1.49 24.42
CA GLU A 62 -8.38 1.24 24.50
C GLU A 62 -9.26 2.37 23.95
N PRO A 63 -8.79 3.65 24.05
CA PRO A 63 -9.50 4.73 23.33
C PRO A 63 -9.71 4.45 21.86
N PHE A 64 -8.72 3.81 21.24
CA PHE A 64 -8.73 3.59 19.81
C PHE A 64 -9.52 2.37 19.34
N PHE A 65 -10.04 1.59 20.28
CA PHE A 65 -10.68 0.32 19.94
C PHE A 65 -12.06 0.45 19.35
N LYS A 66 -12.72 1.59 19.50
CA LYS A 66 -14.17 1.69 19.20
C LYS A 66 -15.00 0.63 19.98
N ALA A 67 -14.70 0.43 21.26
CA ALA A 67 -15.31 -0.62 22.07
C ALA A 67 -16.70 -0.25 22.57
N THR A 68 -17.63 -1.20 22.63
CA THR A 68 -19.00 -0.93 23.13
C THR A 68 -19.23 -1.55 24.53
N PRO A 69 -20.40 -1.37 25.11
CA PRO A 69 -20.64 -1.90 26.44
C PRO A 69 -20.99 -3.36 26.40
N GLU A 70 -21.35 -3.89 25.26
CA GLU A 70 -21.66 -5.30 25.18
C GLU A 70 -20.46 -6.16 24.85
N GLU A 71 -19.31 -5.52 24.66
CA GLU A 71 -18.08 -6.18 24.35
C GLU A 71 -17.22 -6.17 25.59
N LYS A 72 -17.82 -5.84 26.71
CA LYS A 72 -17.09 -5.77 27.95
C LYS A 72 -16.48 -7.10 28.33
N LEU A 73 -17.18 -8.17 28.04
CA LEU A 73 -16.72 -9.49 28.38
C LEU A 73 -15.62 -9.94 27.45
N LYS A 74 -15.66 -9.48 26.22
CA LYS A 74 -14.68 -9.82 25.22
C LYS A 74 -13.44 -9.01 25.43
N LEU A 75 -13.63 -7.78 25.85
CA LEU A 75 -12.50 -6.89 26.12
C LEU A 75 -11.63 -7.39 27.28
N GLU A 76 -12.24 -8.03 28.24
CA GLU A 76 -11.48 -8.51 29.34
C GLU A 76 -10.81 -9.80 29.00
N ASP A 77 -11.39 -10.58 28.11
CA ASP A 77 -10.75 -11.81 27.73
C ASP A 77 -9.53 -11.46 26.93
N PHE A 78 -9.69 -10.51 26.04
CA PHE A 78 -8.62 -10.03 25.24
C PHE A 78 -7.47 -9.56 26.10
N PHE A 79 -7.70 -8.69 27.05
CA PHE A 79 -6.56 -8.20 27.88
C PHE A 79 -5.99 -9.26 28.77
N ALA A 80 -6.81 -10.23 29.11
CA ALA A 80 -6.28 -11.40 29.81
C ALA A 80 -5.25 -12.15 29.01
N ARG A 81 -5.44 -12.20 27.69
CA ARG A 81 -4.55 -12.93 26.80
C ARG A 81 -3.41 -12.04 26.34
N ASN A 82 -3.37 -10.80 26.79
CA ASN A 82 -2.19 -9.93 26.65
C ASN A 82 -1.16 -10.08 27.78
N SER A 83 0.09 -9.82 27.43
CA SER A 83 1.14 -9.60 28.40
C SER A 83 2.10 -8.58 27.79
N TYR A 84 3.10 -8.14 28.55
CA TYR A 84 4.17 -7.24 28.08
C TYR A 84 5.54 -7.77 28.50
N VAL A 85 6.57 -7.39 27.74
CA VAL A 85 7.95 -7.70 28.09
C VAL A 85 8.84 -6.50 27.69
N ALA A 86 9.42 -5.87 28.71
CA ALA A 86 10.39 -4.78 28.54
C ALA A 86 11.70 -5.38 28.14
N GLY A 87 12.36 -4.75 27.17
CA GLY A 87 13.59 -5.27 26.61
C GLY A 87 14.15 -4.27 25.63
N GLN A 88 15.43 -4.43 25.31
CA GLN A 88 16.15 -3.58 24.35
C GLN A 88 16.28 -4.32 23.03
N TYR A 89 16.58 -3.58 21.97
CA TYR A 89 16.43 -4.13 20.63
C TYR A 89 17.64 -4.94 20.12
N ASP A 90 18.85 -4.69 20.63
CA ASP A 90 20.03 -5.54 20.29
C ASP A 90 20.64 -6.26 21.49
N ASP A 91 19.84 -6.44 22.55
CA ASP A 91 20.28 -7.05 23.80
C ASP A 91 19.87 -8.54 23.93
N ALA A 92 20.78 -9.44 23.62
CA ALA A 92 20.53 -10.90 23.61
C ALA A 92 19.79 -11.42 24.85
N ALA A 93 20.12 -10.91 26.03
CA ALA A 93 19.39 -11.23 27.26
C ALA A 93 17.91 -10.85 27.16
N SER A 94 17.60 -9.67 26.61
CA SER A 94 16.21 -9.25 26.49
C SER A 94 15.33 -10.22 25.69
N TYR A 95 15.88 -10.72 24.60
CA TYR A 95 15.22 -11.70 23.77
C TYR A 95 15.10 -13.04 24.52
N GLN A 96 16.08 -13.37 25.37
CA GLN A 96 16.02 -14.58 26.22
C GLN A 96 14.81 -14.59 27.15
N ARG A 97 14.52 -13.43 27.74
CA ARG A 97 13.39 -13.29 28.65
C ARG A 97 12.11 -13.38 27.89
N LEU A 98 12.13 -12.76 26.70
CA LEU A 98 10.98 -12.77 25.80
C LEU A 98 10.64 -14.15 25.32
N ASN A 99 11.66 -14.95 24.99
CA ASN A 99 11.45 -16.29 24.49
C ASN A 99 10.95 -17.22 25.57
N SER A 100 11.37 -17.01 26.81
CA SER A 100 10.90 -17.90 27.90
C SER A 100 9.59 -17.39 28.49
N HIS A 101 9.34 -16.09 28.40
CA HIS A 101 7.99 -15.56 28.67
C HIS A 101 6.97 -16.24 27.71
N MET A 102 7.35 -16.32 26.45
CA MET A 102 6.50 -16.95 25.45
C MET A 102 6.35 -18.43 25.76
N ASN A 103 7.46 -19.11 26.05
CA ASN A 103 7.39 -20.53 26.46
C ASN A 103 6.47 -20.81 27.66
N ALA A 104 6.36 -19.86 28.58
CA ALA A 104 5.55 -20.00 29.79
C ALA A 104 4.06 -19.88 29.53
N LEU A 105 3.74 -19.47 28.33
CA LEU A 105 2.40 -19.30 27.87
C LEU A 105 1.84 -20.63 27.50
N HIS A 106 0.57 -20.83 27.81
CA HIS A 106 -0.10 -22.09 27.53
C HIS A 106 0.34 -22.63 26.19
N LEU A 107 1.05 -23.75 26.23
CA LEU A 107 1.63 -24.40 25.05
C LEU A 107 2.59 -23.51 24.24
N GLY A 108 3.28 -22.59 24.91
CA GLY A 108 4.20 -21.66 24.25
C GLY A 108 5.34 -22.23 23.40
N SER A 109 5.87 -23.37 23.76
CA SER A 109 6.93 -23.98 22.99
C SER A 109 6.41 -24.59 21.71
N GLN A 110 5.12 -24.84 21.68
CA GLN A 110 4.39 -25.41 20.54
C GLN A 110 3.86 -24.34 19.60
N ALA A 111 3.56 -23.16 20.17
CA ALA A 111 2.72 -22.17 19.57
C ALA A 111 3.34 -21.57 18.35
N ASN A 112 2.49 -21.19 17.42
CA ASN A 112 2.91 -20.55 16.22
C ASN A 112 3.20 -19.14 16.61
N ARG A 113 4.36 -18.65 16.20
CA ARG A 113 4.78 -17.32 16.55
C ARG A 113 4.71 -16.33 15.41
N LEU A 114 4.07 -15.22 15.69
CA LEU A 114 3.83 -14.18 14.73
C LEU A 114 4.41 -12.89 15.16
N PHE A 115 5.40 -12.40 14.47
CA PHE A 115 6.04 -11.17 14.90
C PHE A 115 5.73 -9.94 14.10
N TYR A 116 4.94 -9.04 14.66
CA TYR A 116 4.68 -7.77 14.00
C TYR A 116 5.77 -6.74 14.36
N LEU A 117 6.54 -6.26 13.38
CA LEU A 117 7.60 -5.28 13.63
C LEU A 117 7.08 -3.85 13.49
N ALA A 118 6.50 -3.36 14.58
CA ALA A 118 5.95 -2.00 14.60
C ALA A 118 7.04 -1.06 15.08
N LEU A 119 8.06 -0.92 14.24
CA LEU A 119 9.31 -0.30 14.64
C LEU A 119 9.92 0.50 13.49
N PRO A 120 10.77 1.48 13.80
CA PRO A 120 11.51 2.14 12.72
C PRO A 120 12.49 1.20 11.97
N PRO A 121 12.75 1.48 10.69
CA PRO A 121 13.65 0.64 9.85
C PRO A 121 15.10 0.47 10.36
N THR A 122 15.58 1.42 11.16
CA THR A 122 16.91 1.38 11.73
C THR A 122 17.17 0.19 12.67
N VAL A 123 16.12 -0.36 13.32
CA VAL A 123 16.28 -1.57 14.18
C VAL A 123 15.94 -2.91 13.51
N TYR A 124 15.43 -2.90 12.29
CA TYR A 124 15.05 -4.14 11.60
C TYR A 124 16.12 -5.26 11.63
N GLU A 125 17.38 -4.94 11.34
CA GLU A 125 18.46 -5.95 11.30
C GLU A 125 18.74 -6.51 12.67
N ALA A 126 18.90 -5.60 13.61
CA ALA A 126 19.06 -6.00 15.00
C ALA A 126 17.99 -7.00 15.43
N VAL A 127 16.73 -6.61 15.16
CA VAL A 127 15.55 -7.30 15.67
C VAL A 127 15.34 -8.66 15.00
N THR A 128 15.54 -8.70 13.72
CA THR A 128 15.34 -9.93 12.97
C THR A 128 16.39 -10.97 13.27
N LYS A 129 17.55 -10.51 13.72
CA LYS A 129 18.64 -11.39 14.04
C LYS A 129 18.38 -11.98 15.41
N ASN A 130 18.03 -11.10 16.33
CA ASN A 130 17.78 -11.56 17.65
C ASN A 130 16.63 -12.53 17.71
N ILE A 131 15.59 -12.26 16.92
CA ILE A 131 14.43 -13.12 16.89
C ILE A 131 14.84 -14.48 16.42
N HIS A 132 15.64 -14.50 15.35
CA HIS A 132 16.09 -15.74 14.74
C HIS A 132 17.02 -16.50 15.64
N GLU A 133 17.82 -15.74 16.38
CA GLU A 133 18.86 -16.29 17.21
C GLU A 133 18.25 -16.93 18.44
N SER A 134 17.15 -16.39 18.94
CA SER A 134 16.67 -16.85 20.24
C SER A 134 15.16 -16.94 20.50
N CYS A 135 14.28 -16.62 19.55
CA CYS A 135 12.82 -16.52 19.85
C CYS A 135 11.89 -17.40 19.01
N MET A 136 12.50 -18.28 18.24
CA MET A 136 11.89 -19.01 17.19
C MET A 136 11.26 -20.28 17.80
N SER A 137 9.99 -20.59 17.54
CA SER A 137 9.44 -21.86 17.99
C SER A 137 10.19 -22.97 17.39
N GLN A 138 10.37 -24.04 18.14
CA GLN A 138 10.95 -25.25 17.54
C GLN A 138 9.88 -26.12 16.88
N ILE A 139 8.65 -26.04 17.40
CA ILE A 139 7.51 -26.82 16.91
C ILE A 139 6.63 -25.99 15.95
N GLY A 140 6.19 -24.82 16.39
CA GLY A 140 5.31 -24.03 15.56
C GLY A 140 5.99 -23.28 14.46
N TRP A 141 5.22 -22.63 13.62
CA TRP A 141 5.81 -21.82 12.58
C TRP A 141 6.08 -20.42 13.08
N ASN A 142 6.99 -19.72 12.43
CA ASN A 142 7.35 -18.38 12.82
C ASN A 142 7.26 -17.47 11.66
N ARG A 143 6.41 -16.48 11.72
CA ARG A 143 6.27 -15.55 10.62
C ARG A 143 6.60 -14.17 11.10
N ILE A 144 7.12 -13.35 10.20
CA ILE A 144 7.51 -12.01 10.57
C ILE A 144 6.89 -10.95 9.67
N ILE A 145 6.17 -9.99 10.25
CA ILE A 145 5.49 -8.95 9.48
C ILE A 145 6.35 -7.70 9.49
N VAL A 146 6.58 -7.14 8.32
CA VAL A 146 7.50 -6.02 8.19
C VAL A 146 6.92 -4.94 7.32
N GLU A 147 7.08 -3.71 7.73
CA GLU A 147 6.56 -2.59 6.98
C GLU A 147 7.63 -1.78 6.32
N LYS A 148 7.25 -0.84 5.51
CA LYS A 148 8.24 -0.06 4.82
C LYS A 148 8.81 1.03 5.70
N PRO A 149 10.00 1.51 5.40
CA PRO A 149 10.56 1.42 4.09
C PRO A 149 11.47 0.26 4.01
N PHE A 150 11.55 -0.35 2.85
CA PHE A 150 12.43 -1.46 2.63
C PHE A 150 13.59 -0.89 1.86
N GLY A 151 14.52 -0.32 2.57
CA GLY A 151 15.66 0.35 1.95
C GLY A 151 15.24 1.68 1.37
N ARG A 152 16.20 2.44 0.87
CA ARG A 152 15.92 3.70 0.21
C ARG A 152 16.15 3.63 -1.29
N ASP A 153 16.77 2.54 -1.76
CA ASP A 153 17.06 2.27 -3.16
C ASP A 153 17.52 0.81 -3.30
N LEU A 154 17.91 0.41 -4.49
CA LEU A 154 18.29 -0.95 -4.73
C LEU A 154 19.40 -1.47 -3.87
N GLN A 155 20.38 -0.64 -3.63
CA GLN A 155 21.51 -1.05 -2.85
C GLN A 155 21.21 -1.22 -1.37
N SER A 156 20.46 -0.30 -0.79
CA SER A 156 20.11 -0.35 0.61
C SER A 156 19.10 -1.42 0.90
N SER A 157 18.15 -1.58 -0.01
CA SER A 157 17.15 -2.61 0.10
C SER A 157 17.75 -3.98 -0.04
N ASP A 158 18.73 -4.13 -0.92
CA ASP A 158 19.44 -5.41 -1.04
C ASP A 158 20.16 -5.77 0.25
N ARG A 159 20.84 -4.80 0.88
CA ARG A 159 21.55 -5.07 2.15
C ARG A 159 20.59 -5.62 3.19
N LEU A 160 19.47 -4.94 3.35
CA LEU A 160 18.44 -5.38 4.28
C LEU A 160 17.87 -6.74 3.85
N SER A 161 17.51 -6.84 2.60
CA SER A 161 16.90 -8.03 2.11
C SER A 161 17.81 -9.27 2.14
N ASN A 162 19.13 -9.11 2.01
CA ASN A 162 20.04 -10.28 2.12
C ASN A 162 20.20 -10.74 3.57
N HIS A 163 20.20 -9.77 4.47
CA HIS A 163 20.24 -10.04 5.90
C HIS A 163 19.12 -10.99 6.26
N ILE A 164 17.89 -10.52 6.07
CA ILE A 164 16.71 -11.28 6.38
C ILE A 164 16.62 -12.60 5.63
N SER A 165 17.03 -12.63 4.36
CA SER A 165 17.08 -13.88 3.58
C SER A 165 18.03 -14.88 4.20
N SER A 166 19.16 -14.39 4.72
CA SER A 166 20.10 -15.26 5.38
C SER A 166 19.46 -15.95 6.60
N LEU A 167 18.62 -15.19 7.30
CA LEU A 167 17.94 -15.62 8.54
C LEU A 167 16.65 -16.44 8.31
N PHE A 168 15.73 -15.91 7.50
CA PHE A 168 14.38 -16.48 7.25
C PHE A 168 14.15 -16.86 5.78
N ARG A 169 13.31 -17.87 5.58
CA ARG A 169 12.89 -18.29 4.23
C ARG A 169 11.79 -17.33 3.79
N GLU A 170 11.58 -17.18 2.48
CA GLU A 170 10.55 -16.24 1.95
C GLU A 170 9.20 -16.54 2.60
N ASP A 171 8.90 -17.82 2.83
CA ASP A 171 7.59 -18.15 3.39
C ASP A 171 7.47 -17.87 4.89
N GLN A 172 8.39 -17.12 5.43
CA GLN A 172 8.31 -16.63 6.78
C GLN A 172 8.28 -15.11 6.79
N ILE A 173 8.39 -14.47 5.63
CA ILE A 173 8.58 -13.03 5.56
C ILE A 173 7.31 -12.43 4.93
N TYR A 174 6.68 -11.51 5.65
CA TYR A 174 5.49 -10.91 5.16
C TYR A 174 5.67 -9.43 5.08
N ARG A 175 6.10 -8.95 3.94
CA ARG A 175 6.29 -7.54 3.74
C ARG A 175 5.01 -6.92 3.35
N ILE A 176 4.74 -5.79 3.94
CA ILE A 176 3.49 -5.13 3.71
C ILE A 176 3.44 -3.93 2.81
N ASP A 177 2.48 -3.96 1.90
CA ASP A 177 2.02 -2.80 1.18
C ASP A 177 0.56 -2.85 1.54
N HIS A 178 0.11 -1.93 2.37
CA HIS A 178 -1.27 -1.99 2.87
C HIS A 178 -2.32 -1.77 1.75
N TYR A 179 -1.99 -1.06 0.68
CA TYR A 179 -2.86 -1.02 -0.52
C TYR A 179 -3.30 -2.39 -1.00
N LEU A 180 -2.48 -3.38 -0.78
CA LEU A 180 -2.80 -4.74 -1.14
C LEU A 180 -3.98 -5.28 -0.30
N GLY A 181 -4.30 -4.62 0.80
CA GLY A 181 -5.44 -4.96 1.63
C GLY A 181 -6.70 -4.21 1.38
N LYS A 182 -6.70 -3.26 0.44
CA LYS A 182 -7.92 -2.50 0.12
C LYS A 182 -8.91 -3.29 -0.74
N GLU A 183 -10.21 -3.11 -0.49
CA GLU A 183 -11.28 -3.88 -1.14
C GLU A 183 -11.17 -3.86 -2.65
N MET A 184 -11.11 -2.67 -3.23
CA MET A 184 -11.07 -2.49 -4.69
C MET A 184 -9.76 -2.95 -5.29
N VAL A 185 -8.66 -2.83 -4.53
CA VAL A 185 -7.36 -3.27 -5.00
C VAL A 185 -7.33 -4.81 -5.15
N GLN A 186 -7.72 -5.51 -4.11
CA GLN A 186 -7.87 -6.96 -4.20
C GLN A 186 -8.82 -7.39 -5.27
N ASN A 187 -9.89 -6.62 -5.46
CA ASN A 187 -10.95 -6.95 -6.43
C ASN A 187 -10.46 -6.90 -7.89
N LEU A 188 -9.40 -6.13 -8.17
CA LEU A 188 -8.84 -6.07 -9.52
C LEU A 188 -8.76 -7.48 -10.15
N MET A 189 -8.19 -8.43 -9.46
CA MET A 189 -8.01 -9.75 -10.06
C MET A 189 -9.33 -10.38 -10.46
N VAL A 190 -10.33 -10.25 -9.58
CA VAL A 190 -11.63 -10.85 -9.84
C VAL A 190 -12.30 -10.14 -11.01
N LEU A 191 -12.18 -8.84 -11.06
CA LEU A 191 -12.72 -8.11 -12.17
C LEU A 191 -12.18 -8.65 -13.47
N ARG A 192 -10.87 -8.73 -13.57
CA ARG A 192 -10.15 -9.21 -14.76
C ARG A 192 -10.37 -10.69 -15.10
N PHE A 193 -10.20 -11.59 -14.16
CA PHE A 193 -10.12 -13.00 -14.50
C PHE A 193 -11.37 -13.79 -14.22
N ALA A 194 -12.36 -13.17 -13.57
CA ALA A 194 -13.65 -13.82 -13.41
C ALA A 194 -14.60 -13.52 -14.58
N ASN A 195 -14.36 -12.43 -15.27
CA ASN A 195 -15.23 -11.97 -16.32
C ASN A 195 -14.70 -12.03 -17.72
N ARG A 196 -15.55 -12.49 -18.61
CA ARG A 196 -15.23 -12.58 -20.00
C ARG A 196 -15.33 -11.22 -20.63
N ILE A 197 -16.28 -10.42 -20.19
CA ILE A 197 -16.43 -9.11 -20.75
C ILE A 197 -15.24 -8.19 -20.61
N PHE A 198 -14.30 -8.52 -19.76
CA PHE A 198 -13.08 -7.69 -19.61
C PHE A 198 -11.81 -8.41 -20.07
N GLY A 199 -11.93 -9.56 -20.72
CA GLY A 199 -10.79 -10.31 -21.19
C GLY A 199 -10.29 -9.79 -22.52
N PRO A 200 -11.10 -9.89 -23.59
CA PRO A 200 -10.66 -9.52 -24.92
C PRO A 200 -10.19 -8.10 -25.13
N ILE A 201 -10.63 -7.20 -24.27
CA ILE A 201 -10.29 -5.78 -24.34
C ILE A 201 -9.03 -5.38 -23.59
N TRP A 202 -8.50 -6.27 -22.75
CA TRP A 202 -7.41 -5.95 -21.83
C TRP A 202 -6.02 -6.12 -22.47
N ASN A 203 -5.72 -5.29 -23.45
CA ASN A 203 -4.46 -5.37 -24.15
C ASN A 203 -4.20 -4.16 -24.99
N ARG A 204 -2.98 -4.07 -25.52
CA ARG A 204 -2.54 -2.94 -26.36
C ARG A 204 -3.40 -2.62 -27.60
N ASP A 205 -4.13 -3.59 -28.14
CA ASP A 205 -5.06 -3.31 -29.25
C ASP A 205 -6.20 -2.39 -28.86
N ASN A 206 -6.64 -2.43 -27.61
CA ASN A 206 -7.82 -1.67 -27.19
C ASN A 206 -7.57 -0.54 -26.19
N ILE A 207 -6.44 -0.56 -25.48
CA ILE A 207 -6.18 0.43 -24.43
C ILE A 207 -5.18 1.42 -24.94
N ALA A 208 -5.53 2.69 -24.85
CA ALA A 208 -4.68 3.77 -25.33
C ALA A 208 -3.72 4.13 -24.22
N CYS A 209 -4.21 4.17 -22.98
CA CYS A 209 -3.35 4.23 -21.81
C CYS A 209 -4.03 3.79 -20.52
N VAL A 210 -3.20 3.67 -19.49
CA VAL A 210 -3.64 3.40 -18.14
C VAL A 210 -3.11 4.50 -17.22
N ILE A 211 -3.99 5.02 -16.36
CA ILE A 211 -3.68 6.11 -15.42
C ILE A 211 -3.92 5.61 -14.01
N LEU A 212 -2.86 5.53 -13.22
CA LEU A 212 -2.90 5.09 -11.85
C LEU A 212 -2.66 6.29 -10.96
N THR A 213 -3.70 6.70 -10.22
CA THR A 213 -3.75 8.00 -9.58
C THR A 213 -3.73 7.88 -8.06
N PHE A 214 -2.88 8.65 -7.38
CA PHE A 214 -2.93 8.77 -5.90
C PHE A 214 -2.92 10.23 -5.50
N LYS A 215 -3.95 10.69 -4.78
CA LYS A 215 -4.06 12.10 -4.38
C LYS A 215 -4.56 12.25 -2.94
N GLU A 216 -4.03 13.26 -2.24
CA GLU A 216 -4.49 13.67 -0.92
C GLU A 216 -4.68 15.19 -0.88
N PRO A 217 -5.75 15.65 -0.22
CA PRO A 217 -5.97 17.08 -0.15
C PRO A 217 -5.13 17.79 0.96
N PHE A 218 -4.53 17.03 1.87
CA PHE A 218 -3.66 17.57 2.91
C PHE A 218 -2.20 17.48 2.52
N GLY A 219 -1.40 18.42 3.04
CA GLY A 219 0.04 18.42 2.90
C GLY A 219 0.67 17.48 3.90
N THR A 220 1.95 17.73 4.17
CA THR A 220 2.72 16.98 5.18
C THR A 220 2.30 17.27 6.60
N GLU A 221 1.61 18.41 6.81
CA GLU A 221 0.93 18.76 8.06
C GLU A 221 1.78 18.49 9.30
N GLY A 222 2.81 19.30 9.43
CA GLY A 222 3.70 19.28 10.55
C GLY A 222 4.86 18.33 10.48
N ARG A 223 4.59 17.08 10.11
CA ARG A 223 5.62 16.06 10.06
C ARG A 223 6.31 15.93 8.72
N GLY A 224 6.66 17.04 8.12
CA GLY A 224 7.30 17.02 6.85
C GLY A 224 8.75 16.76 7.02
N GLY A 225 9.17 16.52 8.24
CA GLY A 225 10.57 16.25 8.43
C GLY A 225 10.87 14.83 8.08
N TYR A 226 9.94 13.94 8.32
CA TYR A 226 10.15 12.56 8.03
C TYR A 226 10.05 12.35 6.54
N PHE A 227 9.15 13.08 5.94
CA PHE A 227 8.88 13.01 4.53
C PHE A 227 10.03 13.52 3.72
N ASP A 228 10.64 14.63 4.15
CA ASP A 228 11.70 15.27 3.36
C ASP A 228 12.79 14.30 2.93
N GLU A 229 13.11 13.36 3.81
CA GLU A 229 14.09 12.32 3.53
C GLU A 229 13.67 11.29 2.49
N PHE A 230 12.36 11.14 2.24
CA PHE A 230 11.84 10.05 1.41
C PHE A 230 11.39 10.55 0.06
N GLY A 231 10.39 11.43 0.06
CA GLY A 231 9.87 11.99 -1.18
C GLY A 231 8.67 11.20 -1.67
N ILE A 232 7.87 11.84 -2.53
CA ILE A 232 6.58 11.27 -2.95
C ILE A 232 6.72 9.92 -3.66
N ILE A 233 7.74 9.84 -4.51
CA ILE A 233 7.99 8.66 -5.29
C ILE A 233 8.19 7.46 -4.37
N ARG A 234 9.17 7.57 -3.48
CA ARG A 234 9.50 6.52 -2.53
C ARG A 234 8.35 6.27 -1.58
N ASP A 235 7.68 7.33 -1.13
CA ASP A 235 6.55 7.21 -0.20
C ASP A 235 5.32 6.48 -0.77
N VAL A 236 4.98 6.75 -2.03
CA VAL A 236 3.72 6.28 -2.64
C VAL A 236 3.83 5.56 -4.01
N MET A 237 4.73 6.01 -4.88
CA MET A 237 4.74 5.55 -6.25
C MET A 237 5.41 4.18 -6.41
N GLN A 238 6.60 4.03 -5.86
CA GLN A 238 7.37 2.81 -5.93
C GLN A 238 6.70 1.63 -5.26
N ASN A 239 5.70 1.89 -4.44
CA ASN A 239 5.02 0.86 -3.76
C ASN A 239 3.57 0.69 -4.08
N HIS A 240 2.76 1.62 -3.66
CA HIS A 240 1.34 1.45 -3.81
C HIS A 240 0.95 1.42 -5.30
N LEU A 241 1.31 2.50 -6.01
CA LEU A 241 0.90 2.70 -7.38
C LEU A 241 1.39 1.60 -8.34
N LEU A 242 2.57 1.12 -8.08
CA LEU A 242 3.20 0.08 -8.88
C LEU A 242 2.58 -1.29 -8.55
N GLN A 243 2.14 -1.45 -7.30
CA GLN A 243 1.38 -2.65 -6.95
C GLN A 243 0.14 -2.71 -7.80
N MET A 244 -0.51 -1.57 -7.95
CA MET A 244 -1.71 -1.52 -8.77
C MET A 244 -1.40 -1.73 -10.25
N LEU A 245 -0.32 -1.13 -10.74
CA LEU A 245 0.16 -1.42 -12.08
C LEU A 245 0.27 -2.94 -12.26
N CYS A 246 0.87 -3.60 -11.29
CA CYS A 246 1.08 -5.03 -11.40
C CYS A 246 -0.21 -5.80 -11.47
N LEU A 247 -1.20 -5.41 -10.69
CA LEU A 247 -2.47 -6.15 -10.70
C LEU A 247 -3.24 -5.89 -11.99
N VAL A 248 -3.16 -4.65 -12.46
CA VAL A 248 -3.72 -4.27 -13.74
C VAL A 248 -3.08 -5.02 -14.88
N ALA A 249 -1.79 -5.27 -14.82
CA ALA A 249 -1.05 -5.71 -16.04
C ALA A 249 -0.72 -7.20 -16.10
N MET A 250 -0.50 -7.81 -14.94
CA MET A 250 -0.16 -9.23 -14.86
C MET A 250 -0.99 -10.11 -15.73
N GLU A 251 -0.29 -11.07 -16.33
CA GLU A 251 -0.96 -12.19 -16.98
C GLU A 251 -1.79 -12.98 -15.95
N LYS A 252 -2.75 -13.74 -16.48
CA LYS A 252 -3.59 -14.57 -15.63
C LYS A 252 -2.78 -15.74 -15.09
N PRO A 253 -2.79 -15.98 -13.78
CA PRO A 253 -1.99 -17.11 -13.26
C PRO A 253 -2.70 -18.40 -13.45
N CYS A 254 -2.01 -19.52 -13.31
CA CYS A 254 -2.68 -20.79 -13.41
C CYS A 254 -3.67 -21.01 -12.27
N SER A 255 -3.26 -20.70 -11.05
CA SER A 255 -4.06 -20.89 -9.84
C SER A 255 -4.00 -19.61 -9.01
N THR A 256 -4.79 -19.55 -7.93
CA THR A 256 -4.69 -18.44 -6.95
C THR A 256 -3.68 -18.68 -5.80
N ASN A 257 -2.82 -19.66 -5.96
CA ASN A 257 -1.81 -19.91 -4.96
C ASN A 257 -0.92 -18.70 -4.87
N SER A 258 -0.41 -18.43 -3.69
CA SER A 258 0.38 -17.22 -3.49
C SER A 258 1.51 -16.96 -4.42
N ASP A 259 2.24 -17.99 -4.78
CA ASP A 259 3.39 -17.77 -5.60
C ASP A 259 3.19 -17.81 -7.08
N ASP A 260 2.05 -18.31 -7.53
CA ASP A 260 1.69 -18.21 -8.95
C ASP A 260 1.31 -16.78 -9.23
N VAL A 261 0.55 -16.21 -8.32
CA VAL A 261 0.14 -14.80 -8.43
C VAL A 261 1.34 -13.84 -8.39
N ARG A 262 2.22 -14.07 -7.45
CA ARG A 262 3.36 -13.22 -7.28
C ARG A 262 4.35 -13.44 -8.41
N ASP A 263 4.38 -14.65 -8.98
CA ASP A 263 5.24 -14.87 -10.15
C ASP A 263 4.77 -13.93 -11.26
N GLU A 264 3.45 -13.79 -11.44
CA GLU A 264 2.95 -12.94 -12.51
C GLU A 264 3.24 -11.46 -12.24
N LYS A 265 3.16 -11.05 -11.00
CA LYS A 265 3.43 -9.68 -10.66
C LYS A 265 4.87 -9.35 -10.93
N VAL A 266 5.76 -10.20 -10.49
CA VAL A 266 7.16 -9.93 -10.70
C VAL A 266 7.52 -10.06 -12.16
N LYS A 267 6.76 -10.81 -12.93
CA LYS A 267 7.03 -10.92 -14.34
C LYS A 267 6.71 -9.62 -15.04
N VAL A 268 5.76 -8.88 -14.54
CA VAL A 268 5.37 -7.66 -15.16
C VAL A 268 6.48 -6.66 -15.03
N LEU A 269 7.00 -6.58 -13.83
CA LEU A 269 8.04 -5.66 -13.52
C LEU A 269 9.32 -5.91 -14.26
N LYS A 270 9.66 -7.16 -14.46
CA LYS A 270 10.88 -7.49 -15.14
C LYS A 270 10.84 -6.97 -16.55
N CYS A 271 9.65 -6.78 -17.05
CA CYS A 271 9.39 -6.25 -18.36
C CYS A 271 9.42 -4.74 -18.48
N ILE A 272 9.85 -4.00 -17.46
CA ILE A 272 9.75 -2.54 -17.44
C ILE A 272 11.13 -1.92 -17.36
N SER A 273 11.48 -1.03 -18.29
CA SER A 273 12.82 -0.41 -18.23
C SER A 273 12.87 0.66 -17.19
N GLU A 274 14.10 1.04 -16.84
CA GLU A 274 14.34 2.08 -15.82
C GLU A 274 13.74 3.40 -16.33
N VAL A 275 13.12 4.15 -15.45
CA VAL A 275 12.49 5.38 -15.83
C VAL A 275 13.52 6.39 -16.24
N GLN A 276 13.26 7.07 -17.34
CA GLN A 276 14.12 8.16 -17.80
C GLN A 276 13.49 9.50 -17.42
N ALA A 277 14.30 10.41 -16.89
CA ALA A 277 13.82 11.76 -16.44
C ALA A 277 12.96 12.53 -17.44
N ASN A 278 13.24 12.30 -18.71
CA ASN A 278 12.40 12.67 -19.83
C ASN A 278 10.87 12.44 -19.60
N ASN A 279 10.50 11.32 -18.97
CA ASN A 279 9.09 10.99 -18.64
C ASN A 279 8.63 11.35 -17.22
N VAL A 280 9.37 12.18 -16.50
CA VAL A 280 9.02 12.51 -15.11
C VAL A 280 8.79 13.99 -14.96
N VAL A 281 7.71 14.33 -14.27
CA VAL A 281 7.46 15.70 -13.86
C VAL A 281 7.28 15.66 -12.35
N LEU A 282 7.99 16.58 -11.68
CA LEU A 282 7.99 16.68 -10.22
C LEU A 282 7.36 17.97 -9.73
N GLY A 283 6.86 17.94 -8.50
CA GLY A 283 6.13 19.10 -7.96
C GLY A 283 6.27 19.24 -6.48
N GLN A 284 6.21 20.49 -6.01
CA GLN A 284 6.30 20.79 -4.59
C GLN A 284 5.25 21.84 -4.30
N TYR A 285 4.49 21.63 -3.22
CA TYR A 285 3.36 22.50 -2.96
C TYR A 285 3.79 23.70 -2.23
N VAL A 286 3.25 24.84 -2.65
CA VAL A 286 3.43 26.11 -1.99
C VAL A 286 2.09 26.46 -1.35
N GLY A 287 2.07 27.45 -0.49
CA GLY A 287 0.83 27.76 0.16
C GLY A 287 -0.18 28.44 -0.72
N ASN A 288 -1.39 28.56 -0.21
CA ASN A 288 -2.42 29.26 -0.92
C ASN A 288 -2.80 30.45 -0.06
N PRO A 289 -2.71 31.63 -0.62
CA PRO A 289 -3.04 32.85 0.12
C PRO A 289 -4.53 33.01 0.27
N ASP A 290 -5.28 32.63 -0.74
CA ASP A 290 -6.71 32.78 -0.66
C ASP A 290 -7.40 31.73 0.20
N GLY A 291 -6.64 30.97 0.99
CA GLY A 291 -7.21 29.95 1.85
C GLY A 291 -6.50 29.90 3.19
N GLY A 293 -6.81 28.18 6.34
CA GLY A 293 -6.07 27.77 7.48
C GLY A 293 -4.88 26.93 7.12
N GLU A 294 -4.96 25.64 7.36
CA GLU A 294 -3.80 24.79 7.08
C GLU A 294 -3.26 24.85 5.62
N ALA A 295 -4.14 25.21 4.67
CA ALA A 295 -3.79 25.37 3.26
C ALA A 295 -2.95 26.61 2.91
N THR A 296 -2.78 27.51 3.87
CA THR A 296 -2.08 28.78 3.64
C THR A 296 -0.56 28.59 3.60
N LYS A 297 -0.09 27.46 4.15
CA LYS A 297 1.33 27.17 4.26
C LYS A 297 1.72 26.28 3.08
N GLY A 298 2.94 26.49 2.59
CA GLY A 298 3.61 25.59 1.65
C GLY A 298 4.30 24.44 2.36
N TYR A 299 4.92 23.59 1.55
CA TYR A 299 5.75 22.50 2.06
C TYR A 299 6.89 23.07 2.89
N LEU A 300 7.56 24.08 2.29
CA LEU A 300 8.70 24.79 2.89
C LEU A 300 8.40 25.57 4.18
N ASP A 301 7.17 26.07 4.33
CA ASP A 301 6.74 26.76 5.58
C ASP A 301 6.56 25.78 6.76
N ASP A 302 6.74 24.48 6.53
CA ASP A 302 6.93 23.52 7.61
C ASP A 302 8.27 23.84 8.24
N PRO A 303 8.26 23.97 9.56
CA PRO A 303 9.46 24.22 10.34
C PRO A 303 10.35 22.99 10.40
N THR A 304 9.76 21.82 10.20
CA THR A 304 10.44 20.56 10.26
C THR A 304 11.19 20.19 9.00
N VAL A 305 10.99 20.97 7.95
CA VAL A 305 11.59 20.77 6.67
C VAL A 305 12.72 21.73 6.40
N PRO A 306 13.88 21.18 6.12
CA PRO A 306 15.03 21.99 5.73
C PRO A 306 14.74 23.12 4.78
N ARG A 307 15.37 24.24 5.06
CA ARG A 307 15.25 25.40 4.22
C ARG A 307 15.76 25.09 2.82
N GLY A 308 14.99 25.47 1.81
CA GLY A 308 15.41 25.34 0.41
C GLY A 308 15.44 23.91 -0.09
N SER A 309 14.70 23.02 0.56
CA SER A 309 14.62 21.63 0.18
C SER A 309 14.14 21.43 -1.23
N THR A 310 14.48 20.28 -1.79
CA THR A 310 14.15 19.98 -3.16
C THR A 310 13.14 18.86 -3.31
N THR A 311 12.85 18.18 -2.21
CA THR A 311 11.92 17.09 -2.16
C THR A 311 10.59 17.35 -2.86
N ALA A 312 10.12 16.37 -3.60
CA ALA A 312 8.90 16.52 -4.39
C ALA A 312 7.73 15.92 -3.64
N THR A 313 6.64 16.65 -3.67
CA THR A 313 5.42 16.20 -3.07
C THR A 313 4.41 15.76 -4.14
N PHE A 314 4.84 15.72 -5.39
CA PHE A 314 4.00 15.35 -6.46
C PHE A 314 4.86 14.80 -7.54
N ALA A 315 4.47 13.64 -8.05
CA ALA A 315 5.20 13.06 -9.12
C ALA A 315 4.27 12.48 -10.10
N ALA A 316 4.54 12.80 -11.35
CA ALA A 316 3.87 12.16 -12.47
C ALA A 316 4.94 11.47 -13.30
N VAL A 317 4.73 10.20 -13.57
CA VAL A 317 5.75 9.42 -14.25
C VAL A 317 5.06 8.53 -15.23
N VAL A 318 5.70 8.26 -16.37
CA VAL A 318 5.14 7.38 -17.38
C VAL A 318 6.06 6.20 -17.52
N LEU A 319 5.48 4.99 -17.44
CA LEU A 319 6.20 3.72 -17.56
C LEU A 319 5.67 2.87 -18.73
N TYR A 320 6.49 1.93 -19.19
CA TYR A 320 6.11 1.01 -20.22
C TYR A 320 6.41 -0.43 -19.83
N VAL A 321 5.48 -1.31 -20.15
CA VAL A 321 5.62 -2.72 -19.92
C VAL A 321 5.84 -3.29 -21.30
N GLU A 322 7.09 -3.56 -21.62
CA GLU A 322 7.52 -3.90 -22.97
C GLU A 322 7.22 -5.35 -23.34
N ASN A 323 5.97 -5.78 -23.32
CA ASN A 323 5.66 -7.16 -23.70
C ASN A 323 4.51 -7.24 -24.67
N GLU A 324 4.19 -8.45 -25.08
CA GLU A 324 3.24 -8.71 -26.15
C GLU A 324 1.94 -8.04 -25.88
N ARG A 325 1.48 -8.14 -24.65
CA ARG A 325 0.19 -7.56 -24.30
C ARG A 325 0.18 -6.04 -24.17
N TRP A 326 1.30 -5.43 -23.76
CA TRP A 326 1.30 -4.01 -23.32
C TRP A 326 2.16 -3.05 -24.13
N ASP A 327 2.94 -3.57 -25.06
CA ASP A 327 4.03 -2.80 -25.61
C ASP A 327 3.50 -1.49 -26.16
N GLY A 328 4.09 -0.38 -25.78
CA GLY A 328 3.69 0.94 -26.30
C GLY A 328 2.62 1.68 -25.55
N VAL A 329 1.88 0.96 -24.71
CA VAL A 329 0.77 1.52 -23.94
C VAL A 329 1.39 2.19 -22.71
N PRO A 330 1.29 3.53 -22.61
CA PRO A 330 1.85 4.16 -21.44
C PRO A 330 0.99 3.92 -20.23
N PHE A 331 1.66 3.64 -19.11
CA PHE A 331 1.06 3.58 -17.80
C PHE A 331 1.46 4.88 -17.13
N ILE A 332 0.49 5.77 -16.92
CA ILE A 332 0.71 7.05 -16.26
C ILE A 332 0.50 6.96 -14.74
N LEU A 333 1.55 7.20 -13.99
CA LEU A 333 1.48 7.14 -12.55
C LEU A 333 1.46 8.55 -12.04
N ARG A 334 0.36 8.98 -11.47
CA ARG A 334 0.27 10.33 -11.00
C ARG A 334 -0.01 10.39 -9.53
N CYS A 335 0.86 11.03 -8.78
CA CYS A 335 0.64 11.15 -7.36
C CYS A 335 1.12 12.44 -6.74
N GLY A 336 0.50 12.78 -5.64
CA GLY A 336 0.86 13.98 -4.89
C GLY A 336 -0.02 14.30 -3.69
N LYS A 337 0.52 15.13 -2.81
CA LYS A 337 -0.16 15.60 -1.62
C LYS A 337 -0.56 17.07 -1.77
N ALA A 338 -1.46 17.49 -0.88
CA ALA A 338 -2.01 18.85 -0.86
C ALA A 338 -2.71 19.19 -2.17
N LEU A 339 -3.50 18.24 -2.68
CA LEU A 339 -4.14 18.35 -4.00
C LEU A 339 -5.63 18.66 -3.84
N ASN A 340 -6.33 18.76 -4.97
CA ASN A 340 -7.76 19.08 -4.94
C ASN A 340 -8.70 18.07 -4.28
N GLU A 341 -8.26 16.83 -4.04
CA GLU A 341 -9.15 15.80 -3.45
C GLU A 341 -8.37 14.64 -2.84
N ARG A 342 -9.09 13.79 -2.11
CA ARG A 342 -8.65 12.45 -1.86
C ARG A 342 -9.20 11.52 -2.97
N LYS A 343 -8.32 10.78 -3.62
CA LYS A 343 -8.73 9.77 -4.59
C LYS A 343 -7.60 8.75 -4.79
N ALA A 344 -7.96 7.47 -4.81
CA ALA A 344 -7.07 6.48 -5.37
C ALA A 344 -7.82 5.72 -6.44
N GLU A 345 -7.22 5.60 -7.63
CA GLU A 345 -7.94 5.25 -8.83
C GLU A 345 -7.10 4.58 -9.89
N VAL A 346 -7.68 3.54 -10.49
CA VAL A 346 -7.23 2.92 -11.73
C VAL A 346 -8.22 3.34 -12.80
N ARG A 347 -7.72 3.90 -13.92
CA ARG A 347 -8.54 4.37 -15.05
C ARG A 347 -7.86 3.86 -16.32
N LEU A 348 -8.52 2.95 -17.05
CA LEU A 348 -8.09 2.57 -18.41
C LEU A 348 -8.84 3.43 -19.41
N GLN A 349 -8.11 4.13 -20.28
CA GLN A 349 -8.70 4.87 -21.39
C GLN A 349 -8.54 4.06 -22.69
N PHE A 350 -9.65 3.59 -23.24
CA PHE A 350 -9.61 2.78 -24.43
C PHE A 350 -9.39 3.65 -25.64
N HIS A 351 -8.90 3.02 -26.70
CA HIS A 351 -8.75 3.67 -28.00
C HIS A 351 -10.08 4.09 -28.62
N ASP A 352 -9.99 5.00 -29.58
CA ASP A 352 -11.15 5.32 -30.39
C ASP A 352 -11.66 4.08 -31.12
N VAL A 353 -12.89 4.15 -31.55
CA VAL A 353 -13.51 3.09 -32.31
C VAL A 353 -13.03 3.18 -33.74
N ALA A 354 -12.90 2.05 -34.41
CA ALA A 354 -12.43 2.06 -35.80
C ALA A 354 -13.60 2.31 -36.72
N GLY A 355 -13.43 3.16 -37.71
CA GLY A 355 -14.50 3.39 -38.71
C GLY A 355 -15.69 4.10 -38.09
N ASP A 356 -15.43 5.30 -37.58
CA ASP A 356 -16.43 6.09 -36.88
C ASP A 356 -17.51 6.45 -37.86
N ILE A 357 -18.76 6.25 -37.45
CA ILE A 357 -19.94 6.63 -38.26
C ILE A 357 -20.74 7.79 -37.63
N PHE A 358 -20.23 8.37 -36.55
CA PHE A 358 -20.92 9.43 -35.84
C PHE A 358 -20.14 10.75 -35.91
N HIS A 359 -19.42 11.02 -37.00
CA HIS A 359 -18.87 12.38 -37.28
C HIS A 359 -18.11 13.00 -36.09
N GLN A 360 -17.27 12.19 -35.44
CA GLN A 360 -16.30 12.62 -34.40
C GLN A 360 -16.93 12.93 -33.02
N GLN A 361 -18.25 12.74 -32.92
CA GLN A 361 -19.01 13.04 -31.69
C GLN A 361 -18.66 12.07 -30.55
N CYS A 362 -18.18 10.87 -30.91
CA CYS A 362 -17.69 9.87 -29.95
C CYS A 362 -16.55 10.39 -29.03
N LYS A 363 -16.47 9.78 -27.85
CA LYS A 363 -15.43 10.03 -26.82
C LYS A 363 -14.84 8.69 -26.40
N ARG A 364 -13.56 8.69 -26.05
CA ARG A 364 -12.94 7.42 -25.69
C ARG A 364 -13.59 6.77 -24.49
N ASN A 365 -13.81 5.48 -24.57
CA ASN A 365 -14.35 4.76 -23.45
C ASN A 365 -13.32 4.67 -22.34
N GLU A 366 -13.76 4.61 -21.10
CA GLU A 366 -12.85 4.38 -19.98
C GLU A 366 -13.46 3.40 -18.96
N LEU A 367 -12.63 2.52 -18.40
CA LEU A 367 -13.05 1.67 -17.30
C LEU A 367 -12.38 2.24 -16.07
N VAL A 368 -13.15 2.41 -15.00
CA VAL A 368 -12.66 3.13 -13.83
C VAL A 368 -12.94 2.33 -12.60
N ILE A 369 -11.89 2.07 -11.81
CA ILE A 369 -12.02 1.39 -10.57
C ILE A 369 -11.56 2.38 -9.52
N ARG A 370 -12.51 2.99 -8.84
CA ARG A 370 -12.18 3.93 -7.80
C ARG A 370 -11.95 3.15 -6.54
N VAL A 371 -10.76 3.29 -5.96
CA VAL A 371 -10.35 2.53 -4.81
C VAL A 371 -10.85 3.20 -3.57
N GLN A 372 -10.79 4.53 -3.56
CA GLN A 372 -11.31 5.35 -2.45
C GLN A 372 -11.37 6.79 -2.94
N PRO A 373 -12.24 7.62 -2.36
CA PRO A 373 -13.34 7.23 -1.46
C PRO A 373 -14.51 6.69 -2.26
N ASN A 374 -15.55 6.27 -1.56
CA ASN A 374 -16.77 5.77 -2.19
C ASN A 374 -16.43 4.75 -3.26
N GLU A 375 -16.09 3.57 -2.78
CA GLU A 375 -15.55 2.50 -3.65
C GLU A 375 -16.56 2.20 -4.74
N ALA A 376 -16.06 2.16 -5.99
CA ALA A 376 -16.89 1.91 -7.16
C ALA A 376 -16.09 1.42 -8.35
N VAL A 377 -16.76 0.80 -9.30
CA VAL A 377 -16.17 0.43 -10.55
C VAL A 377 -17.20 0.78 -11.60
N TYR A 378 -16.87 1.67 -12.49
CA TYR A 378 -17.78 2.07 -13.53
C TYR A 378 -17.09 2.16 -14.90
N THR A 379 -17.91 2.05 -15.95
CA THR A 379 -17.44 2.27 -17.33
C THR A 379 -18.06 3.53 -17.86
N LYS A 380 -17.25 4.38 -18.44
CA LYS A 380 -17.73 5.54 -19.13
C LYS A 380 -17.80 5.17 -20.59
N MET A 381 -18.96 5.41 -21.19
CA MET A 381 -19.29 4.90 -22.52
C MET A 381 -20.24 5.87 -23.18
N MET A 382 -20.67 5.52 -24.38
CA MET A 382 -21.57 6.36 -25.13
C MET A 382 -22.91 5.71 -25.28
N THR A 383 -23.93 6.53 -25.15
CA THR A 383 -25.31 6.07 -25.30
C THR A 383 -26.00 7.07 -26.20
N LYS A 384 -27.04 6.64 -26.90
CA LYS A 384 -27.83 7.56 -27.72
C LYS A 384 -28.51 8.52 -26.77
N LYS A 385 -28.30 9.81 -27.01
CA LYS A 385 -28.89 10.90 -26.22
C LYS A 385 -30.38 10.62 -26.04
N PRO A 386 -30.85 10.53 -24.79
CA PRO A 386 -32.25 10.18 -24.65
C PRO A 386 -33.20 11.22 -25.23
N GLY A 387 -34.38 10.77 -25.66
CA GLY A 387 -35.35 11.64 -26.28
C GLY A 387 -35.26 11.65 -27.79
N MET A 388 -35.81 12.72 -28.36
CA MET A 388 -35.90 12.90 -29.78
C MET A 388 -34.56 13.31 -30.41
N PHE A 389 -33.55 12.47 -30.22
CA PHE A 389 -32.20 12.72 -30.75
C PHE A 389 -31.62 11.45 -31.33
N PHE A 390 -30.55 11.55 -32.11
CA PHE A 390 -29.81 10.35 -32.48
C PHE A 390 -28.33 10.50 -32.28
N ASN A 391 -27.92 11.60 -31.66
CA ASN A 391 -26.53 11.87 -31.36
C ASN A 391 -26.04 11.11 -30.12
N PRO A 392 -24.97 10.33 -30.23
CA PRO A 392 -24.52 9.72 -28.97
C PRO A 392 -24.09 10.77 -27.92
N GLU A 393 -24.21 10.43 -26.63
CA GLU A 393 -23.52 11.21 -25.57
C GLU A 393 -22.95 10.34 -24.46
N GLU A 394 -21.95 10.85 -23.75
CA GLU A 394 -21.33 10.17 -22.61
C GLU A 394 -22.34 9.77 -21.57
N SER A 395 -22.12 8.62 -20.94
CA SER A 395 -22.96 8.13 -19.82
C SER A 395 -22.13 7.06 -19.11
N GLU A 396 -22.70 6.28 -18.22
CA GLU A 396 -21.94 5.21 -17.63
C GLU A 396 -22.74 4.15 -16.91
N LEU A 397 -22.21 2.95 -16.90
CA LEU A 397 -22.81 1.84 -16.21
C LEU A 397 -21.99 1.76 -14.96
N ASP A 398 -22.62 1.78 -13.79
CA ASP A 398 -21.85 1.73 -12.57
C ASP A 398 -22.24 0.74 -11.52
N LEU A 399 -21.24 0.32 -10.77
CA LEU A 399 -21.42 -0.56 -9.67
C LEU A 399 -20.85 0.24 -8.56
N THR A 400 -21.69 1.01 -7.90
CA THR A 400 -21.19 1.87 -6.80
C THR A 400 -21.48 1.15 -5.48
N TYR A 401 -20.42 0.72 -4.78
CA TYR A 401 -20.55 0.11 -3.42
C TYR A 401 -20.94 1.25 -2.49
N GLY A 402 -22.10 1.12 -1.93
CA GLY A 402 -22.67 2.19 -1.15
C GLY A 402 -24.14 2.17 -1.47
N ASN A 403 -24.48 2.01 -2.75
CA ASN A 403 -25.82 1.89 -3.20
C ASN A 403 -26.10 0.41 -3.22
N ARG A 404 -25.28 -0.32 -3.95
CA ARG A 404 -25.45 -1.75 -4.12
C ARG A 404 -25.24 -2.57 -2.87
N TYR A 405 -24.24 -2.19 -2.10
CA TYR A 405 -23.93 -2.86 -0.86
C TYR A 405 -23.83 -1.73 0.12
N LYS A 406 -24.89 -1.51 0.87
CA LYS A 406 -24.98 -0.42 1.83
C LYS A 406 -24.73 -0.87 3.22
N ASN A 407 -25.33 -1.98 3.54
CA ASN A 407 -25.31 -2.53 4.86
C ASN A 407 -23.92 -2.98 5.21
N VAL A 408 -23.29 -3.62 4.26
CA VAL A 408 -21.94 -4.17 4.47
C VAL A 408 -20.88 -3.16 4.87
N LYS A 409 -20.09 -3.53 5.87
CA LYS A 409 -19.03 -2.67 6.32
C LYS A 409 -17.74 -3.29 5.82
N LEU A 410 -16.86 -2.47 5.30
CA LEU A 410 -15.64 -2.97 4.68
C LEU A 410 -14.51 -3.03 5.72
N PRO A 411 -13.84 -4.21 5.89
CA PRO A 411 -12.79 -4.27 6.88
C PRO A 411 -11.61 -3.42 6.44
N ASP A 412 -10.79 -3.05 7.39
CA ASP A 412 -9.66 -2.21 7.13
C ASP A 412 -8.52 -3.04 6.56
N ALA A 413 -7.67 -2.43 5.76
CA ALA A 413 -6.58 -3.15 5.09
C ALA A 413 -5.80 -3.99 6.08
N TYR A 414 -5.49 -3.41 7.22
CA TYR A 414 -4.70 -4.10 8.22
C TYR A 414 -5.44 -5.27 8.85
N GLU A 415 -6.75 -5.23 8.83
CA GLU A 415 -7.53 -6.31 9.35
C GLU A 415 -7.44 -7.50 8.44
N ARG A 416 -7.45 -7.24 7.17
CA ARG A 416 -7.41 -8.24 6.15
C ARG A 416 -6.06 -8.90 6.11
N LEU A 417 -5.03 -8.09 6.02
CA LEU A 417 -3.71 -8.60 5.93
C LEU A 417 -3.26 -9.42 7.11
N ILE A 418 -3.47 -8.92 8.29
CA ILE A 418 -3.02 -9.62 9.48
C ILE A 418 -3.68 -10.98 9.53
N LEU A 419 -4.95 -11.04 9.19
CA LEU A 419 -5.67 -12.32 9.16
C LEU A 419 -5.01 -13.28 8.17
N ASP A 420 -4.54 -12.78 7.06
CA ASP A 420 -3.83 -13.59 6.09
C ASP A 420 -2.53 -14.14 6.61
N VAL A 421 -1.94 -13.49 7.59
CA VAL A 421 -0.70 -14.00 8.15
C VAL A 421 -0.98 -15.15 9.06
N PHE A 422 -2.14 -15.15 9.69
CA PHE A 422 -2.52 -16.25 10.52
C PHE A 422 -2.89 -17.39 9.62
N CYS A 423 -3.58 -17.08 8.54
CA CYS A 423 -4.03 -18.11 7.61
C CYS A 423 -2.92 -18.55 6.66
N GLY A 424 -1.83 -17.78 6.60
CA GLY A 424 -0.65 -18.16 5.80
C GLY A 424 -0.72 -17.83 4.32
N SER A 425 -1.39 -16.74 3.95
CA SER A 425 -1.59 -16.38 2.54
C SER A 425 -0.59 -15.26 2.25
N GLN A 426 0.42 -15.55 1.46
CA GLN A 426 1.38 -14.51 1.07
C GLN A 426 0.96 -13.72 -0.15
N MET A 427 -0.07 -14.18 -0.81
CA MET A 427 -0.60 -13.54 -2.00
C MET A 427 -0.63 -12.00 -1.92
N HIS A 428 -0.95 -11.45 -0.76
CA HIS A 428 -1.10 -9.99 -0.64
C HIS A 428 0.06 -9.22 0.02
N PHE A 429 1.25 -9.83 -0.03
CA PHE A 429 2.46 -9.31 0.60
C PHE A 429 3.61 -9.26 -0.43
N VAL A 430 4.50 -8.28 -0.27
CA VAL A 430 5.56 -8.04 -1.26
C VAL A 430 6.66 -9.11 -1.18
N ARG A 431 6.96 -9.77 -2.29
CA ARG A 431 8.06 -10.75 -2.32
C ARG A 431 9.43 -10.05 -2.60
N SER A 432 10.55 -10.73 -2.32
CA SER A 432 11.89 -10.07 -2.41
C SER A 432 12.27 -9.68 -3.83
N ASP A 433 11.97 -10.56 -4.78
CA ASP A 433 12.19 -10.26 -6.19
C ASP A 433 11.30 -9.08 -6.64
N GLU A 434 10.03 -9.18 -6.28
CA GLU A 434 9.07 -8.09 -6.46
C GLU A 434 9.70 -6.81 -5.97
N LEU A 435 10.32 -6.91 -4.79
CA LEU A 435 10.84 -5.73 -4.11
C LEU A 435 11.99 -5.13 -4.87
N ARG A 436 12.94 -5.98 -5.32
CA ARG A 436 14.10 -5.47 -6.02
C ARG A 436 13.80 -5.00 -7.45
N GLU A 437 12.90 -5.68 -8.16
CA GLU A 437 12.48 -5.15 -9.45
C GLU A 437 11.92 -3.75 -9.24
N ALA A 438 11.18 -3.53 -8.16
CA ALA A 438 10.63 -2.20 -7.92
C ALA A 438 11.76 -1.18 -7.79
N TRP A 439 12.75 -1.53 -7.00
CA TRP A 439 13.87 -0.64 -6.82
C TRP A 439 14.67 -0.41 -8.10
N ARG A 440 14.91 -1.42 -8.93
CA ARG A 440 15.73 -1.13 -10.09
C ARG A 440 15.04 -0.27 -11.11
N ILE A 441 13.71 -0.24 -11.10
CA ILE A 441 12.97 0.61 -12.04
C ILE A 441 13.15 2.08 -11.71
N PHE A 442 13.14 2.44 -10.42
CA PHE A 442 13.22 3.86 -10.02
C PHE A 442 14.59 4.30 -9.53
N THR A 443 15.52 3.37 -9.33
CA THR A 443 16.76 3.72 -8.63
C THR A 443 17.64 4.72 -9.38
N PRO A 444 17.84 4.52 -10.69
CA PRO A 444 18.59 5.49 -11.48
C PRO A 444 18.03 6.90 -11.44
N LEU A 445 16.70 7.02 -11.57
CA LEU A 445 16.03 8.30 -11.43
C LEU A 445 16.22 8.92 -10.05
N LEU A 446 16.13 8.12 -9.01
CA LEU A 446 16.23 8.65 -7.64
C LEU A 446 17.63 9.16 -7.31
N HIS A 447 18.66 8.49 -7.85
CA HIS A 447 20.05 8.92 -7.65
C HIS A 447 20.30 10.18 -8.45
N GLN A 448 19.72 10.21 -9.62
CA GLN A 448 19.81 11.36 -10.46
C GLN A 448 19.35 12.50 -9.63
N ILE A 449 18.12 12.41 -9.18
CA ILE A 449 17.51 13.51 -8.43
C ILE A 449 18.39 13.98 -7.28
N GLU A 450 18.90 13.03 -6.51
CA GLU A 450 19.75 13.32 -5.38
C GLU A 450 20.97 14.04 -5.92
N LEU A 451 21.48 13.57 -7.03
CA LEU A 451 22.66 14.16 -7.61
C LEU A 451 22.45 15.50 -8.23
N GLU A 452 21.47 15.62 -9.11
CA GLU A 452 21.21 16.87 -9.80
C GLU A 452 20.30 17.80 -9.07
N LYS A 453 19.70 17.32 -8.00
CA LYS A 453 18.81 18.12 -7.20
C LYS A 453 18.02 19.21 -7.91
N PRO A 454 17.24 18.82 -8.90
CA PRO A 454 16.42 19.77 -9.65
C PRO A 454 15.34 20.38 -8.78
N LYS A 455 14.97 21.59 -9.12
CA LYS A 455 13.97 22.33 -8.35
C LYS A 455 12.64 21.79 -8.86
N PRO A 456 11.81 21.16 -7.99
CA PRO A 456 10.44 20.79 -8.40
C PRO A 456 9.63 21.96 -8.93
N ILE A 457 8.60 21.67 -9.71
CA ILE A 457 7.73 22.73 -10.22
C ILE A 457 6.75 23.10 -9.13
N PRO A 458 6.64 24.40 -8.80
CA PRO A 458 5.69 24.77 -7.74
C PRO A 458 4.24 24.43 -8.11
N TYR A 459 3.40 24.26 -7.11
CA TYR A 459 2.00 24.01 -7.31
C TYR A 459 1.27 24.50 -6.10
N ILE A 460 0.23 25.28 -6.31
CA ILE A 460 -0.52 25.84 -5.22
C ILE A 460 -1.36 24.83 -4.52
N TYR A 461 -1.30 24.84 -3.21
CA TYR A 461 -2.04 23.95 -2.35
C TYR A 461 -3.49 23.99 -2.70
N GLY A 462 -4.07 22.82 -2.94
CA GLY A 462 -5.47 22.69 -3.29
C GLY A 462 -5.74 22.51 -4.76
N SER A 463 -4.76 22.79 -5.63
CA SER A 463 -4.88 22.54 -7.07
C SER A 463 -4.73 21.06 -7.41
N ARG A 464 -4.85 20.77 -8.71
CA ARG A 464 -4.58 19.46 -9.30
C ARG A 464 -3.08 19.12 -9.58
N GLY A 465 -2.16 20.00 -9.19
CA GLY A 465 -0.74 19.80 -9.41
C GLY A 465 -0.29 20.54 -10.65
N PRO A 466 1.01 20.44 -11.01
CA PRO A 466 1.59 21.15 -12.15
C PRO A 466 0.91 20.89 -13.49
N THR A 467 0.64 21.97 -14.22
CA THR A 467 0.15 21.93 -15.60
C THR A 467 1.00 21.00 -16.45
N GLU A 468 2.31 21.05 -16.24
CA GLU A 468 3.27 20.25 -16.98
C GLU A 468 2.98 18.73 -16.90
N ALA A 469 2.42 18.28 -15.78
CA ALA A 469 1.99 16.89 -15.64
C ALA A 469 0.91 16.59 -16.67
N ASP A 470 -0.11 17.43 -16.71
CA ASP A 470 -1.10 17.33 -17.78
C ASP A 470 -0.44 17.33 -19.17
N GLU A 471 0.50 18.23 -19.41
CA GLU A 471 1.20 18.29 -20.70
C GLU A 471 1.86 16.95 -21.09
N LEU A 472 2.39 16.25 -20.11
CA LEU A 472 3.06 14.97 -20.28
C LEU A 472 2.12 13.89 -20.74
N MET A 473 1.01 13.80 -20.03
CA MET A 473 -0.01 12.78 -20.26
C MET A 473 -0.54 12.89 -21.68
N LYS A 474 -0.79 14.13 -22.10
CA LYS A 474 -1.18 14.46 -23.46
C LYS A 474 -0.13 13.99 -24.45
N ARG A 475 1.14 14.24 -24.15
CA ARG A 475 2.23 13.85 -25.07
C ARG A 475 2.32 12.32 -25.33
N VAL A 476 2.02 11.50 -24.33
CA VAL A 476 2.02 10.02 -24.51
C VAL A 476 0.65 9.43 -24.88
N GLY A 477 -0.34 10.28 -25.23
CA GLY A 477 -1.59 9.84 -25.84
C GLY A 477 -2.77 9.68 -24.91
N PHE A 478 -2.79 10.42 -23.81
CA PHE A 478 -4.01 10.59 -23.04
C PHE A 478 -4.78 11.74 -23.66
N GLN A 479 -6.10 11.66 -23.52
CA GLN A 479 -7.04 12.62 -24.04
C GLN A 479 -7.98 13.15 -22.98
N TYR A 480 -8.00 14.45 -22.80
CA TYR A 480 -8.89 15.09 -21.83
C TYR A 480 -10.13 15.45 -22.57
N GLU A 481 -11.28 15.13 -22.00
CA GLU A 481 -12.52 15.48 -22.63
C GLU A 481 -13.50 15.97 -21.59
C1 BG6 B . 1.51 5.44 3.52
C2 BG6 B . 2.28 6.64 3.07
O1 BG6 B . 2.10 4.36 3.03
O5 BG6 B . 0.16 5.42 2.93
C3 BG6 B . 1.57 7.87 3.40
O2 BG6 B . 3.52 6.65 3.77
C4 BG6 B . 0.27 7.87 2.71
O3 BG6 B . 2.33 8.97 2.91
C5 BG6 B . -0.56 6.68 3.10
O4 BG6 B . -0.43 9.01 3.14
C6 BG6 B . -1.78 6.65 2.26
O6 BG6 B . -2.52 5.57 2.75
P BG6 B . -4.13 5.64 2.75
O1P BG6 B . -4.58 6.06 1.46
O2P BG6 B . -4.68 4.35 3.10
O3P BG6 B . -4.58 6.56 3.78
C1 GOL C . -8.34 3.20 -33.30
O1 GOL C . -8.58 3.95 -34.51
C2 GOL C . -7.00 2.48 -33.41
O2 GOL C . -5.90 3.34 -33.16
C3 GOL C . -6.80 1.23 -32.51
O3 GOL C . -5.58 0.55 -32.86
#